data_1FOS
#
_entry.id   1FOS
#
_cell.length_a   241.100
_cell.length_b   48.690
_cell.length_c   66.000
_cell.angle_alpha   90.00
_cell.angle_beta   90.00
_cell.angle_gamma   90.00
#
_symmetry.space_group_name_H-M   'P 21 21 2'
#
loop_
_entity.id
_entity.type
_entity.pdbx_description
1 polymer "DNA (5'-D(*AP*AP*TP*GP*GP*AP*TP*GP*AP*GP*TP*CP*AP*TP*AP*GP*GP*AP*GP*A)-3')"
2 polymer "DNA (5'-D(*TP*TP*CP*TP*CP*CP*TP*AP*TP*GP*AP*CP*TP*CP*AP*TP*CP*CP*AP*T)-3')"
3 polymer 'P55-C-FOS PROTO-ONCOGENE PROTEIN'
4 polymer 'C-JUN PROTO-ONCOGENE PROTEIN'
#
loop_
_entity_poly.entity_id
_entity_poly.type
_entity_poly.pdbx_seq_one_letter_code
_entity_poly.pdbx_strand_id
1 'polydeoxyribonucleotide' (DA)(DA)(DT)(DG)(DG)(DA)(DT)(DG)(DA)(DG)(DT)(DC)(DA)(DT)(DA)(DG)(DG)(DA)(DG)(DA) A,C
2 'polydeoxyribonucleotide' (DT)(DT)(DC)(DT)(DC)(DC)(DT)(DA)(DT)(DG)(DA)(DC)(DT)(DC)(DA)(DT)(DC)(DC)(DA)(DT) B,D
3 'polypeptide(L)' KRRIRRERNKMAAAKSRNRRRELTDTLQAETDQLEDEKSALQTEIANLLKEKEKLEFILAAH E,G
4 'polypeptide(L)' KAERKRMRNRIAASKSRKRKLERIARLEEKVKTLKAQNSELASTANMLREQVAQLKQKVMNH F,H
#
loop_
_chem_comp.id
_chem_comp.type
_chem_comp.name
_chem_comp.formula
DA DNA linking 2'-DEOXYADENOSINE-5'-MONOPHOSPHATE 'C10 H14 N5 O6 P'
DC DNA linking 2'-DEOXYCYTIDINE-5'-MONOPHOSPHATE 'C9 H14 N3 O7 P'
DG DNA linking 2'-DEOXYGUANOSINE-5'-MONOPHOSPHATE 'C10 H14 N5 O7 P'
DT DNA linking THYMIDINE-5'-MONOPHOSPHATE 'C10 H15 N2 O8 P'
#
# COMPACT_ATOMS: atom_id res chain seq x y z
N LYS E 1 -44.18 10.61 15.07
CA LYS E 1 -42.84 11.20 15.38
C LYS E 1 -41.74 10.20 15.09
N ARG E 2 -41.76 9.04 15.76
CA ARG E 2 -40.75 8.01 15.49
C ARG E 2 -40.83 7.52 14.05
N ARG E 3 -41.93 6.88 13.66
CA ARG E 3 -42.09 6.37 12.28
C ARG E 3 -41.50 7.29 11.23
N ILE E 4 -41.59 8.59 11.49
CA ILE E 4 -41.04 9.59 10.61
C ILE E 4 -39.54 9.52 10.82
N ARG E 5 -39.07 9.97 11.99
CA ARG E 5 -37.64 9.97 12.28
C ARG E 5 -36.89 8.64 12.10
N ARG E 6 -37.44 7.53 12.60
CA ARG E 6 -36.77 6.22 12.46
C ARG E 6 -36.41 5.91 11.01
N GLU E 7 -37.34 6.08 10.09
CA GLU E 7 -37.04 5.84 8.68
C GLU E 7 -36.07 6.92 8.21
N ARG E 8 -36.25 8.14 8.74
CA ARG E 8 -35.40 9.25 8.41
C ARG E 8 -33.96 8.98 8.81
N ASN E 9 -33.77 8.46 10.01
CA ASN E 9 -32.43 8.17 10.54
C ASN E 9 -31.89 6.91 9.86
N LYS E 10 -32.80 6.03 9.46
CA LYS E 10 -32.40 4.80 8.79
C LYS E 10 -31.55 5.22 7.58
N MET E 11 -32.02 6.25 6.86
CA MET E 11 -31.36 6.77 5.68
C MET E 11 -29.99 7.34 6.03
N ALA E 12 -29.87 8.01 7.17
CA ALA E 12 -28.60 8.60 7.56
C ALA E 12 -27.58 7.51 7.89
N ALA E 13 -27.97 6.56 8.72
CA ALA E 13 -27.08 5.48 9.08
C ALA E 13 -26.60 4.86 7.77
N ALA E 14 -27.50 4.77 6.81
CA ALA E 14 -27.14 4.18 5.53
C ALA E 14 -26.16 5.03 4.74
N LYS E 15 -26.46 6.33 4.67
CA LYS E 15 -25.67 7.27 3.91
C LYS E 15 -24.28 7.45 4.51
N SER E 16 -24.18 7.41 5.83
CA SER E 16 -22.89 7.57 6.48
C SER E 16 -22.05 6.35 6.17
N ARG E 17 -22.58 5.15 6.41
CA ARG E 17 -21.85 3.92 6.12
C ARG E 17 -21.44 3.99 4.66
N ASN E 18 -22.31 4.55 3.83
CA ASN E 18 -22.01 4.71 2.42
C ASN E 18 -20.68 5.45 2.31
N ARG E 19 -20.61 6.71 2.70
CA ARG E 19 -19.36 7.44 2.58
C ARG E 19 -18.10 6.69 3.09
N ARG E 20 -18.08 6.13 4.30
CA ARG E 20 -16.87 5.44 4.79
C ARG E 20 -16.39 4.32 3.85
N ARG E 21 -17.33 3.62 3.23
CA ARG E 21 -16.98 2.58 2.27
C ARG E 21 -16.22 3.21 1.10
N GLU E 22 -16.69 4.37 0.65
CA GLU E 22 -16.10 5.09 -0.49
C GLU E 22 -14.85 5.87 -0.14
N LEU E 23 -14.80 6.40 1.06
CA LEU E 23 -13.63 7.14 1.46
C LEU E 23 -12.49 6.16 1.39
N THR E 24 -12.67 4.99 2.02
CA THR E 24 -11.61 4.00 2.04
C THR E 24 -11.31 3.47 0.65
N ASP E 25 -12.34 3.07 -0.08
CA ASP E 25 -12.17 2.54 -1.42
C ASP E 25 -11.34 3.51 -2.27
N THR E 26 -11.54 4.80 -2.04
CA THR E 26 -10.82 5.83 -2.77
C THR E 26 -9.39 5.98 -2.30
N LEU E 27 -9.18 6.18 -1.01
CA LEU E 27 -7.82 6.32 -0.49
C LEU E 27 -7.03 5.09 -0.87
N GLN E 28 -7.60 3.91 -0.64
CA GLN E 28 -6.90 2.68 -0.96
C GLN E 28 -6.46 2.72 -2.41
N ALA E 29 -7.41 2.91 -3.32
CA ALA E 29 -7.13 2.94 -4.74
C ALA E 29 -6.18 4.06 -5.16
N GLU E 30 -6.23 5.20 -4.48
CA GLU E 30 -5.34 6.31 -4.77
C GLU E 30 -3.94 5.93 -4.33
N THR E 31 -3.75 5.49 -3.08
CA THR E 31 -2.40 5.13 -2.67
C THR E 31 -1.80 4.06 -3.58
N ASP E 32 -2.65 3.19 -4.12
CA ASP E 32 -2.13 2.17 -5.02
C ASP E 32 -1.47 2.89 -6.20
N GLN E 33 -2.15 3.88 -6.72
CA GLN E 33 -1.61 4.62 -7.84
C GLN E 33 -0.36 5.42 -7.46
N LEU E 34 -0.45 6.24 -6.42
CA LEU E 34 0.71 7.01 -5.99
C LEU E 34 1.90 6.09 -5.76
N GLU E 35 1.65 4.86 -5.34
CA GLU E 35 2.74 3.93 -5.09
C GLU E 35 3.41 3.62 -6.40
N ASP E 36 2.60 3.39 -7.42
CA ASP E 36 3.19 3.07 -8.69
C ASP E 36 3.98 4.23 -9.26
N GLU E 37 3.36 5.40 -9.28
CA GLU E 37 3.99 6.61 -9.79
C GLU E 37 5.38 6.74 -9.17
N LYS E 38 5.43 6.60 -7.85
CA LYS E 38 6.69 6.70 -7.12
C LYS E 38 7.65 5.62 -7.60
N SER E 39 7.19 4.38 -7.58
CA SER E 39 8.00 3.27 -8.01
C SER E 39 8.66 3.53 -9.36
N ALA E 40 7.88 4.04 -10.32
CA ALA E 40 8.45 4.28 -11.64
C ALA E 40 9.45 5.44 -11.69
N LEU E 41 9.25 6.45 -10.87
CA LEU E 41 10.20 7.55 -10.83
C LEU E 41 11.53 7.04 -10.29
N GLN E 42 11.47 6.04 -9.43
CA GLN E 42 12.69 5.48 -8.88
C GLN E 42 13.47 4.76 -9.97
N THR E 43 12.78 4.20 -10.95
CA THR E 43 13.52 3.54 -12.00
C THR E 43 13.91 4.59 -13.05
N GLU E 44 13.07 5.60 -13.24
CA GLU E 44 13.35 6.66 -14.22
C GLU E 44 14.63 7.33 -13.79
N ILE E 45 14.76 7.47 -12.47
CA ILE E 45 15.93 8.10 -11.90
C ILE E 45 17.16 7.22 -12.12
N ALA E 46 17.04 5.93 -11.83
CA ALA E 46 18.16 5.01 -12.00
C ALA E 46 18.72 5.08 -13.41
N ASN E 47 17.85 4.97 -14.40
CA ASN E 47 18.29 5.03 -15.79
C ASN E 47 18.85 6.40 -16.16
N LEU E 48 18.21 7.48 -15.73
CA LEU E 48 18.77 8.78 -16.08
C LEU E 48 20.25 8.85 -15.66
N LEU E 49 20.52 8.39 -14.45
CA LEU E 49 21.86 8.39 -13.93
C LEU E 49 22.83 7.63 -14.82
N LYS E 50 22.48 6.41 -15.23
CA LYS E 50 23.38 5.65 -16.10
C LYS E 50 23.70 6.42 -17.37
N GLU E 51 22.72 7.18 -17.87
CA GLU E 51 22.96 7.95 -19.06
C GLU E 51 23.90 9.07 -18.69
N LYS E 52 23.64 9.74 -17.57
CA LYS E 52 24.51 10.85 -17.16
C LYS E 52 25.97 10.39 -17.19
N GLU E 53 26.30 9.34 -16.45
CA GLU E 53 27.69 8.85 -16.41
C GLU E 53 28.25 8.59 -17.81
N LYS E 54 27.55 7.72 -18.55
CA LYS E 54 27.93 7.34 -19.90
C LYS E 54 28.36 8.57 -20.71
N LEU E 55 27.58 9.63 -20.64
CA LEU E 55 27.94 10.82 -21.39
C LEU E 55 29.19 11.50 -20.83
N GLU E 56 29.37 11.48 -19.52
CA GLU E 56 30.56 12.11 -18.93
C GLU E 56 31.81 11.36 -19.42
N PHE E 57 31.69 10.05 -19.59
CA PHE E 57 32.83 9.27 -20.06
C PHE E 57 33.16 9.64 -21.49
N ILE E 58 32.13 9.81 -22.31
CA ILE E 58 32.35 10.18 -23.69
C ILE E 58 33.09 11.53 -23.74
N LEU E 59 33.06 12.26 -22.64
CA LEU E 59 33.77 13.53 -22.53
C LEU E 59 35.04 13.38 -21.67
N ALA E 60 35.58 12.16 -21.63
CA ALA E 60 36.80 11.79 -20.85
C ALA E 60 38.16 12.00 -21.55
N ARG F 4 -24.14 -12.81 28.30
CA ARG F 4 -22.82 -13.19 27.69
C ARG F 4 -22.85 -13.07 26.18
N LYS F 5 -23.70 -13.84 25.50
CA LYS F 5 -23.76 -13.80 24.03
C LYS F 5 -23.74 -12.36 23.52
N ARG F 6 -24.47 -11.48 24.18
CA ARG F 6 -24.48 -10.09 23.78
C ARG F 6 -23.14 -9.44 24.09
N MET F 7 -22.65 -9.63 25.32
CA MET F 7 -21.38 -9.04 25.73
C MET F 7 -20.18 -9.42 24.85
N ARG F 8 -20.11 -10.69 24.45
CA ARG F 8 -19.01 -11.14 23.60
C ARG F 8 -19.18 -10.41 22.27
N ASN F 9 -20.39 -10.44 21.71
CA ASN F 9 -20.66 -9.77 20.44
C ASN F 9 -20.40 -8.28 20.45
N ARG F 10 -20.62 -7.60 21.58
CA ARG F 10 -20.38 -6.16 21.66
C ARG F 10 -18.94 -6.03 21.26
N ILE F 11 -18.10 -6.71 22.02
CA ILE F 11 -16.65 -6.70 21.84
C ILE F 11 -16.26 -6.88 20.37
N ALA F 12 -17.01 -7.65 19.62
CA ALA F 12 -16.69 -7.80 18.22
C ALA F 12 -17.07 -6.53 17.53
N ALA F 13 -18.35 -6.15 17.59
CA ALA F 13 -18.80 -4.93 16.90
C ALA F 13 -17.82 -3.79 17.13
N SER F 14 -17.38 -3.68 18.38
CA SER F 14 -16.43 -2.65 18.77
C SER F 14 -15.16 -2.85 17.96
N LYS F 15 -14.57 -4.05 18.05
CA LYS F 15 -13.35 -4.34 17.33
C LYS F 15 -13.53 -4.15 15.84
N SER F 16 -14.70 -4.51 15.30
CA SER F 16 -14.91 -4.37 13.89
C SER F 16 -14.93 -2.88 13.47
N ARG F 17 -15.53 -2.02 14.31
CA ARG F 17 -15.55 -0.62 13.97
C ARG F 17 -14.14 -0.09 13.95
N LYS F 18 -13.37 -0.41 14.97
CA LYS F 18 -11.99 0.06 15.07
C LYS F 18 -11.16 -0.31 13.81
N ARG F 19 -11.21 -1.56 13.36
CA ARG F 19 -10.45 -1.93 12.18
C ARG F 19 -10.79 -0.98 11.03
N LYS F 20 -12.09 -0.82 10.75
CA LYS F 20 -12.50 0.06 9.67
C LYS F 20 -11.97 1.50 9.87
N LEU F 21 -11.87 1.89 11.13
CA LEU F 21 -11.36 3.20 11.43
C LEU F 21 -9.92 3.27 11.08
N GLU F 22 -9.12 2.39 11.63
CA GLU F 22 -7.69 2.41 11.34
C GLU F 22 -7.31 2.40 9.88
N ARG F 23 -7.77 1.39 9.15
CA ARG F 23 -7.43 1.30 7.73
C ARG F 23 -7.54 2.72 7.15
N ILE F 24 -8.62 3.43 7.49
CA ILE F 24 -8.84 4.80 7.00
C ILE F 24 -7.72 5.74 7.37
N ALA F 25 -7.28 5.60 8.61
CA ALA F 25 -6.20 6.41 9.09
C ALA F 25 -4.94 6.04 8.30
N ARG F 26 -4.50 4.79 8.44
CA ARG F 26 -3.30 4.31 7.77
C ARG F 26 -3.19 4.85 6.35
N LEU F 27 -4.28 4.67 5.59
CA LEU F 27 -4.35 5.13 4.21
C LEU F 27 -4.06 6.60 4.15
N GLU F 28 -4.79 7.40 4.94
CA GLU F 28 -4.57 8.84 4.94
C GLU F 28 -3.09 9.16 5.10
N GLU F 29 -2.44 8.44 6.02
CA GLU F 29 -1.01 8.61 6.29
C GLU F 29 -0.20 8.25 5.04
N LYS F 30 -0.44 7.06 4.49
CA LYS F 30 0.28 6.63 3.29
C LYS F 30 0.12 7.61 2.16
N VAL F 31 -1.11 8.08 1.91
CA VAL F 31 -1.36 9.06 0.86
C VAL F 31 -0.48 10.28 1.07
N LYS F 32 -0.37 10.73 2.33
CA LYS F 32 0.44 11.90 2.65
C LYS F 32 1.91 11.70 2.28
N THR F 33 2.55 10.70 2.86
CA THR F 33 3.95 10.53 2.55
C THR F 33 4.18 10.28 1.07
N LEU F 34 3.30 9.48 0.46
CA LEU F 34 3.47 9.23 -0.96
C LEU F 34 3.51 10.51 -1.73
N LYS F 35 2.54 11.40 -1.51
CA LYS F 35 2.50 12.71 -2.20
C LYS F 35 3.89 13.40 -2.14
N ALA F 36 4.50 13.40 -0.95
CA ALA F 36 5.80 14.04 -0.77
C ALA F 36 6.94 13.35 -1.50
N GLN F 37 7.30 12.14 -1.05
CA GLN F 37 8.40 11.39 -1.67
C GLN F 37 8.20 11.41 -3.19
N ASN F 38 6.98 11.03 -3.57
CA ASN F 38 6.56 10.99 -4.95
C ASN F 38 6.81 12.37 -5.59
N SER F 39 6.52 13.49 -4.90
CA SER F 39 6.76 14.81 -5.48
C SER F 39 8.27 15.13 -5.58
N GLU F 40 9.03 14.83 -4.54
CA GLU F 40 10.47 15.11 -4.55
C GLU F 40 11.25 14.33 -5.65
N LEU F 41 11.06 13.02 -5.71
CA LEU F 41 11.74 12.21 -6.72
C LEU F 41 11.44 12.77 -8.11
N ALA F 42 10.31 13.47 -8.24
CA ALA F 42 9.95 14.06 -9.50
C ALA F 42 10.91 15.20 -9.77
N SER F 43 11.20 15.99 -8.74
CA SER F 43 12.11 17.12 -8.92
C SER F 43 13.48 16.59 -9.33
N THR F 44 14.03 15.64 -8.56
CA THR F 44 15.35 15.06 -8.90
C THR F 44 15.28 14.45 -10.32
N ALA F 45 14.11 13.95 -10.69
CA ALA F 45 13.91 13.37 -12.00
C ALA F 45 14.10 14.45 -13.05
N ASN F 46 13.66 15.67 -12.73
CA ASN F 46 13.79 16.78 -13.67
C ASN F 46 15.18 17.36 -13.74
N MET F 47 15.87 17.45 -12.59
CA MET F 47 17.25 17.94 -12.59
C MET F 47 17.99 17.01 -13.54
N LEU F 48 17.70 15.71 -13.46
CA LEU F 48 18.36 14.74 -14.31
C LEU F 48 17.94 14.73 -15.78
N ARG F 49 16.65 14.81 -16.08
CA ARG F 49 16.23 14.82 -17.47
C ARG F 49 17.00 15.90 -18.26
N GLU F 50 16.94 17.16 -17.80
CA GLU F 50 17.62 18.28 -18.47
C GLU F 50 19.13 18.08 -18.63
N GLN F 51 19.81 17.65 -17.55
CA GLN F 51 21.26 17.40 -17.58
C GLN F 51 21.60 16.38 -18.68
N VAL F 52 20.73 15.39 -18.85
CA VAL F 52 21.01 14.43 -19.89
C VAL F 52 20.77 15.14 -21.21
N ALA F 53 19.66 15.85 -21.32
CA ALA F 53 19.36 16.55 -22.57
C ALA F 53 20.60 17.33 -22.99
N GLN F 54 21.12 18.12 -22.04
CA GLN F 54 22.30 18.96 -22.26
C GLN F 54 23.53 18.14 -22.73
N LEU F 55 23.85 17.09 -21.99
CA LEU F 55 25.00 16.28 -22.32
C LEU F 55 24.83 15.57 -23.66
N LYS F 56 23.63 15.13 -23.99
CA LYS F 56 23.39 14.46 -25.27
C LYS F 56 23.84 15.40 -26.38
N GLN F 57 23.57 16.69 -26.18
CA GLN F 57 23.96 17.71 -27.15
C GLN F 57 25.49 17.81 -27.20
N LYS F 58 26.13 18.13 -26.07
CA LYS F 58 27.60 18.27 -26.01
C LYS F 58 28.34 17.12 -26.68
N VAL F 59 27.74 15.93 -26.66
CA VAL F 59 28.32 14.76 -27.26
C VAL F 59 27.95 14.64 -28.74
N MET F 60 26.73 15.04 -29.09
CA MET F 60 26.27 14.96 -30.48
C MET F 60 27.21 15.73 -31.43
N ARG G 2 -34.64 -24.15 -20.17
CA ARG G 2 -34.04 -22.88 -20.72
C ARG G 2 -34.14 -21.66 -19.78
N ARG G 3 -35.35 -21.29 -19.34
CA ARG G 3 -35.49 -20.16 -18.42
C ARG G 3 -34.81 -20.54 -17.09
N ILE G 4 -34.65 -21.85 -16.86
CA ILE G 4 -33.98 -22.29 -15.66
C ILE G 4 -32.49 -22.01 -15.86
N ARG G 5 -32.01 -22.19 -17.10
CA ARG G 5 -30.60 -21.96 -17.41
C ARG G 5 -30.19 -20.58 -16.97
N ARG G 6 -30.91 -19.55 -17.42
CA ARG G 6 -30.57 -18.17 -17.01
C ARG G 6 -30.47 -18.04 -15.48
N GLU G 7 -31.51 -18.49 -14.76
CA GLU G 7 -31.52 -18.39 -13.30
C GLU G 7 -30.35 -19.14 -12.61
N ARG G 8 -30.14 -20.40 -12.96
CA ARG G 8 -29.06 -21.15 -12.34
C ARG G 8 -27.71 -20.50 -12.59
N ASN G 9 -27.55 -19.90 -13.77
CA ASN G 9 -26.34 -19.16 -14.11
C ASN G 9 -26.26 -17.80 -13.36
N LYS G 10 -27.39 -17.13 -13.20
CA LYS G 10 -27.40 -15.85 -12.51
C LYS G 10 -26.81 -16.01 -11.11
N MET G 11 -27.15 -17.13 -10.48
CA MET G 11 -26.63 -17.37 -9.15
C MET G 11 -25.15 -17.72 -9.23
N ALA G 12 -24.75 -18.29 -10.36
CA ALA G 12 -23.36 -18.68 -10.56
C ALA G 12 -22.50 -17.43 -10.70
N ALA G 13 -22.97 -16.51 -11.52
CA ALA G 13 -22.29 -15.25 -11.77
C ALA G 13 -22.14 -14.57 -10.39
N ALA G 14 -23.24 -14.51 -9.68
CA ALA G 14 -23.23 -13.92 -8.36
C ALA G 14 -22.11 -14.50 -7.52
N LYS G 15 -22.00 -15.84 -7.53
CA LYS G 15 -20.99 -16.56 -6.76
C LYS G 15 -19.54 -16.25 -7.15
N SER G 16 -19.28 -16.16 -8.44
CA SER G 16 -17.94 -15.85 -8.88
C SER G 16 -17.57 -14.41 -8.46
N ARG G 17 -18.50 -13.48 -8.64
CA ARG G 17 -18.21 -12.12 -8.26
C ARG G 17 -17.87 -12.08 -6.80
N ASN G 18 -18.67 -12.71 -5.95
CA ASN G 18 -18.39 -12.67 -4.51
C ASN G 18 -17.00 -13.22 -4.26
N ARG G 19 -16.61 -14.24 -5.02
CA ARG G 19 -15.29 -14.83 -4.85
C ARG G 19 -14.11 -13.86 -5.03
N ARG G 20 -14.06 -13.14 -6.15
CA ARG G 20 -12.97 -12.17 -6.33
C ARG G 20 -12.98 -11.10 -5.26
N ARG G 21 -14.15 -10.76 -4.73
CA ARG G 21 -14.16 -9.77 -3.68
C ARG G 21 -13.47 -10.40 -2.49
N GLU G 22 -13.94 -11.55 -2.03
CA GLU G 22 -13.30 -12.17 -0.88
C GLU G 22 -11.81 -12.39 -1.09
N LEU G 23 -11.41 -12.80 -2.28
CA LEU G 23 -10.00 -13.02 -2.53
C LEU G 23 -9.23 -11.73 -2.53
N THR G 24 -9.61 -10.76 -3.37
CA THR G 24 -8.86 -9.50 -3.43
C THR G 24 -8.85 -8.90 -2.04
N ASP G 25 -9.97 -9.04 -1.36
CA ASP G 25 -10.14 -8.48 -0.04
C ASP G 25 -9.33 -9.07 1.09
N THR G 26 -9.10 -10.38 1.07
CA THR G 26 -8.26 -10.95 2.11
C THR G 26 -6.81 -10.49 1.82
N LEU G 27 -6.40 -10.54 0.55
CA LEU G 27 -5.03 -10.15 0.24
C LEU G 27 -4.72 -8.78 0.82
N GLN G 28 -5.56 -7.82 0.48
CA GLN G 28 -5.39 -6.46 0.94
C GLN G 28 -5.11 -6.43 2.43
N ALA G 29 -5.82 -7.25 3.18
CA ALA G 29 -5.63 -7.27 4.61
C ALA G 29 -4.35 -7.98 4.99
N GLU G 30 -4.02 -9.07 4.30
CA GLU G 30 -2.79 -9.76 4.63
C GLU G 30 -1.61 -8.83 4.44
N THR G 31 -1.59 -8.10 3.32
CA THR G 31 -0.49 -7.19 3.10
C THR G 31 -0.53 -6.06 4.09
N ASP G 32 -1.70 -5.48 4.31
CA ASP G 32 -1.79 -4.38 5.27
C ASP G 32 -1.15 -4.76 6.61
N GLN G 33 -1.37 -6.00 7.06
CA GLN G 33 -0.81 -6.47 8.33
C GLN G 33 0.69 -6.56 8.21
N LEU G 34 1.15 -7.12 7.09
CA LEU G 34 2.56 -7.27 6.89
C LEU G 34 3.26 -5.90 6.97
N GLU G 35 2.70 -4.90 6.28
CA GLU G 35 3.27 -3.56 6.28
C GLU G 35 3.48 -3.05 7.69
N ASP G 36 2.51 -3.35 8.57
CA ASP G 36 2.59 -2.94 9.97
C ASP G 36 3.76 -3.69 10.61
N GLU G 37 3.92 -4.97 10.28
CA GLU G 37 5.00 -5.78 10.84
C GLU G 37 6.41 -5.44 10.36
N LYS G 38 6.54 -5.16 9.07
CA LYS G 38 7.83 -4.76 8.53
C LYS G 38 8.13 -3.46 9.28
N SER G 39 7.09 -2.65 9.43
CA SER G 39 7.24 -1.40 10.15
C SER G 39 7.82 -1.64 11.54
N ALA G 40 7.07 -2.28 12.42
CA ALA G 40 7.52 -2.51 13.79
C ALA G 40 8.97 -2.97 13.87
N LEU G 41 9.33 -3.95 13.02
CA LEU G 41 10.70 -4.46 13.00
C LEU G 41 11.65 -3.30 12.71
N GLN G 42 11.41 -2.61 11.61
CA GLN G 42 12.29 -1.51 11.25
C GLN G 42 12.54 -0.66 12.46
N THR G 43 11.49 -0.18 13.13
CA THR G 43 11.71 0.63 14.32
C THR G 43 12.40 -0.14 15.44
N GLU G 44 12.26 -1.47 15.50
CA GLU G 44 12.99 -2.16 16.55
C GLU G 44 14.48 -2.17 16.16
N ILE G 45 14.75 -2.37 14.88
CA ILE G 45 16.12 -2.39 14.43
C ILE G 45 16.76 -1.06 14.70
N ALA G 46 15.96 0.01 14.67
CA ALA G 46 16.44 1.37 14.94
C ALA G 46 16.74 1.51 16.40
N ASN G 47 15.85 1.00 17.24
CA ASN G 47 16.09 1.06 18.68
C ASN G 47 17.38 0.32 19.08
N LEU G 48 17.54 -0.93 18.63
CA LEU G 48 18.75 -1.69 18.92
C LEU G 48 19.96 -0.82 18.52
N LEU G 49 19.95 -0.31 17.29
CA LEU G 49 21.04 0.56 16.83
C LEU G 49 21.33 1.74 17.78
N LYS G 50 20.31 2.35 18.38
CA LYS G 50 20.58 3.47 19.28
C LYS G 50 21.37 2.96 20.47
N GLU G 51 20.91 1.84 21.00
CA GLU G 51 21.58 1.23 22.13
C GLU G 51 23.01 0.80 21.72
N LYS G 52 23.23 0.45 20.45
CA LYS G 52 24.54 0.03 19.98
C LYS G 52 25.56 1.16 19.89
N GLU G 53 25.11 2.32 19.40
CA GLU G 53 25.93 3.53 19.27
C GLU G 53 26.25 3.99 20.65
N LYS G 54 25.20 4.05 21.47
CA LYS G 54 25.33 4.48 22.83
C LYS G 54 26.47 3.74 23.52
N LEU G 55 26.40 2.41 23.49
CA LEU G 55 27.40 1.54 24.13
C LEU G 55 28.78 1.71 23.56
N GLU G 56 28.87 1.74 22.23
CA GLU G 56 30.14 1.94 21.58
C GLU G 56 30.76 3.28 22.01
N PHE G 57 29.97 4.33 22.09
CA PHE G 57 30.50 5.64 22.51
C PHE G 57 31.25 5.52 23.85
N ILE G 58 30.84 4.57 24.68
CA ILE G 58 31.52 4.34 25.95
C ILE G 58 32.71 3.42 25.71
N LEU G 59 32.50 2.33 24.99
CA LEU G 59 33.58 1.39 24.69
C LEU G 59 34.63 1.94 23.71
N ALA G 60 34.41 3.20 23.30
CA ALA G 60 35.29 3.91 22.37
C ALA G 60 36.65 4.00 23.02
N GLU H 3 -21.96 9.85 -30.87
CA GLU H 3 -22.42 9.57 -29.48
C GLU H 3 -22.60 8.06 -29.34
N ARG H 4 -21.53 7.33 -29.64
CA ARG H 4 -21.51 5.87 -29.59
C ARG H 4 -21.62 5.39 -28.13
N LYS H 5 -22.82 5.09 -27.68
CA LYS H 5 -23.03 4.64 -26.31
C LYS H 5 -22.48 3.25 -26.01
N ARG H 6 -23.08 2.25 -26.66
CA ARG H 6 -22.73 0.84 -26.51
C ARG H 6 -21.25 0.55 -26.73
N MET H 7 -20.64 1.36 -27.59
CA MET H 7 -19.23 1.24 -27.93
C MET H 7 -18.34 1.63 -26.76
N ARG H 8 -18.44 2.90 -26.39
CA ARG H 8 -17.65 3.46 -25.32
C ARG H 8 -17.87 2.63 -24.08
N ASN H 9 -19.13 2.33 -23.79
CA ASN H 9 -19.45 1.54 -22.62
C ASN H 9 -18.64 0.24 -22.58
N ARG H 10 -18.53 -0.39 -23.74
CA ARG H 10 -17.79 -1.64 -23.87
C ARG H 10 -16.35 -1.43 -23.42
N ILE H 11 -15.76 -0.33 -23.88
CA ILE H 11 -14.40 -0.09 -23.51
C ILE H 11 -14.28 0.18 -22.04
N ALA H 12 -15.25 0.89 -21.50
CA ALA H 12 -15.17 1.19 -20.07
C ALA H 12 -15.16 -0.11 -19.28
N ALA H 13 -16.00 -1.07 -19.69
CA ALA H 13 -16.07 -2.36 -18.98
C ALA H 13 -14.76 -3.09 -19.09
N SER H 14 -14.16 -3.07 -20.27
CA SER H 14 -12.89 -3.75 -20.47
C SER H 14 -11.88 -3.14 -19.54
N LYS H 15 -11.85 -1.81 -19.52
CA LYS H 15 -10.90 -1.07 -18.71
C LYS H 15 -11.06 -1.43 -17.26
N SER H 16 -12.30 -1.41 -16.79
CA SER H 16 -12.58 -1.74 -15.40
C SER H 16 -12.23 -3.15 -15.02
N ARG H 17 -12.55 -4.11 -15.86
CA ARG H 17 -12.23 -5.49 -15.52
C ARG H 17 -10.73 -5.64 -15.38
N LYS H 18 -9.97 -5.01 -16.26
CA LYS H 18 -8.53 -5.10 -16.17
C LYS H 18 -8.04 -4.68 -14.76
N ARG H 19 -8.39 -3.46 -14.34
CA ARG H 19 -7.92 -2.97 -13.05
C ARG H 19 -8.09 -3.97 -11.90
N LYS H 20 -9.21 -4.68 -11.87
CA LYS H 20 -9.42 -5.67 -10.80
C LYS H 20 -8.38 -6.78 -10.90
N LEU H 21 -8.29 -7.36 -12.09
CA LEU H 21 -7.37 -8.45 -12.34
C LEU H 21 -5.96 -8.05 -11.88
N GLU H 22 -5.54 -6.87 -12.30
CA GLU H 22 -4.22 -6.36 -11.96
C GLU H 22 -4.03 -6.12 -10.46
N ARG H 23 -5.04 -5.60 -9.79
CA ARG H 23 -4.93 -5.33 -8.35
C ARG H 23 -4.70 -6.61 -7.55
N ILE H 24 -5.31 -7.70 -8.00
CA ILE H 24 -5.12 -8.99 -7.33
C ILE H 24 -3.63 -9.28 -7.49
N ALA H 25 -3.15 -9.13 -8.73
CA ALA H 25 -1.76 -9.38 -9.10
C ALA H 25 -0.76 -8.57 -8.29
N ARG H 26 -0.87 -7.25 -8.32
CA ARG H 26 0.05 -6.42 -7.57
C ARG H 26 0.01 -6.88 -6.11
N LEU H 27 -1.19 -7.14 -5.59
CA LEU H 27 -1.32 -7.58 -4.21
C LEU H 27 -0.59 -8.89 -3.94
N GLU H 28 -0.71 -9.83 -4.87
CA GLU H 28 -0.06 -11.13 -4.75
C GLU H 28 1.46 -10.94 -4.70
N GLU H 29 2.00 -10.23 -5.69
CA GLU H 29 3.43 -9.96 -5.76
C GLU H 29 3.90 -9.20 -4.54
N LYS H 30 2.99 -8.44 -3.93
CA LYS H 30 3.32 -7.70 -2.72
C LYS H 30 3.48 -8.61 -1.51
N VAL H 31 2.69 -9.67 -1.43
CA VAL H 31 2.83 -10.62 -0.32
C VAL H 31 4.12 -11.45 -0.50
N LYS H 32 4.52 -11.67 -1.76
CA LYS H 32 5.76 -12.40 -2.03
C LYS H 32 6.87 -11.56 -1.40
N THR H 33 6.99 -10.34 -1.93
CA THR H 33 8.00 -9.37 -1.48
C THR H 33 7.99 -9.07 0.03
N LEU H 34 6.84 -8.82 0.60
CA LEU H 34 6.82 -8.52 2.01
C LEU H 34 7.18 -9.65 2.95
N LYS H 35 6.78 -10.88 2.62
CA LYS H 35 7.05 -12.03 3.48
C LYS H 35 8.54 -12.19 3.52
N ALA H 36 9.14 -11.99 2.36
CA ALA H 36 10.58 -12.08 2.20
C ALA H 36 11.28 -10.98 3.03
N GLN H 37 11.07 -9.72 2.63
CA GLN H 37 11.67 -8.55 3.29
C GLN H 37 11.40 -8.53 4.78
N ASN H 38 10.20 -8.97 5.13
CA ASN H 38 9.81 -8.99 6.52
C ASN H 38 10.74 -9.96 7.25
N SER H 39 10.93 -11.17 6.68
CA SER H 39 11.79 -12.21 7.27
C SER H 39 13.28 -11.82 7.43
N GLU H 40 13.87 -11.18 6.41
CA GLU H 40 15.27 -10.75 6.48
C GLU H 40 15.49 -9.73 7.61
N LEU H 41 14.68 -8.66 7.62
CA LEU H 41 14.77 -7.60 8.62
C LEU H 41 14.74 -8.28 9.99
N ALA H 42 13.87 -9.26 10.15
CA ALA H 42 13.75 -10.00 11.41
C ALA H 42 15.10 -10.57 11.84
N SER H 43 15.75 -11.31 10.93
CA SER H 43 17.05 -11.91 11.23
C SER H 43 18.00 -10.81 11.65
N THR H 44 18.14 -9.79 10.82
CA THR H 44 19.01 -8.67 11.15
C THR H 44 18.68 -8.23 12.56
N ALA H 45 17.39 -8.07 12.84
CA ALA H 45 16.95 -7.64 14.17
C ALA H 45 17.60 -8.46 15.28
N ASN H 46 17.84 -9.73 15.02
CA ASN H 46 18.46 -10.60 16.02
C ASN H 46 19.95 -10.32 16.18
N MET H 47 20.66 -10.18 15.06
CA MET H 47 22.08 -9.91 15.13
C MET H 47 22.26 -8.78 16.10
N LEU H 48 21.58 -7.67 15.86
CA LEU H 48 21.70 -6.53 16.78
C LEU H 48 21.35 -6.86 18.24
N ARG H 49 20.35 -7.70 18.47
CA ARG H 49 19.98 -8.03 19.85
C ARG H 49 21.17 -8.58 20.62
N GLU H 50 21.79 -9.64 20.09
CA GLU H 50 22.93 -10.26 20.77
C GLU H 50 24.08 -9.28 20.91
N GLN H 51 24.36 -8.52 19.85
CA GLN H 51 25.44 -7.54 19.87
C GLN H 51 25.18 -6.53 20.96
N VAL H 52 24.03 -5.89 20.91
CA VAL H 52 23.72 -4.89 21.92
C VAL H 52 23.82 -5.50 23.32
N ALA H 53 23.66 -6.81 23.44
CA ALA H 53 23.79 -7.43 24.76
C ALA H 53 25.28 -7.58 25.15
N GLN H 54 26.12 -7.92 24.15
CA GLN H 54 27.56 -8.09 24.36
C GLN H 54 28.27 -6.77 24.70
N LEU H 55 27.80 -5.66 24.12
CA LEU H 55 28.38 -4.36 24.42
C LEU H 55 27.91 -3.89 25.77
N LYS H 56 26.69 -4.30 26.11
CA LYS H 56 26.04 -3.95 27.37
C LYS H 56 26.77 -4.66 28.52
N GLN H 57 27.18 -5.91 28.28
CA GLN H 57 27.92 -6.68 29.29
C GLN H 57 29.37 -6.15 29.40
N LYS H 58 30.01 -5.85 28.26
CA LYS H 58 31.37 -5.30 28.29
C LYS H 58 31.30 -3.95 29.02
N VAL H 59 30.26 -3.18 28.72
CA VAL H 59 30.03 -1.86 29.33
C VAL H 59 29.84 -1.89 30.85
N MET H 60 29.23 -2.96 31.34
CA MET H 60 28.96 -3.13 32.77
C MET H 60 30.20 -3.62 33.55
#